data_8PHO
#
_entry.id   8PHO
#
_cell.length_a   1.00
_cell.length_b   1.00
_cell.length_c   1.00
_cell.angle_alpha   90.00
_cell.angle_beta   90.00
_cell.angle_gamma   90.00
#
_symmetry.space_group_name_H-M   'P 1'
#
loop_
_entity.id
_entity.type
_entity.pdbx_description
1 polymer 'Phage portal protein'
2 water water
#
_entity_poly.entity_id   1
_entity_poly.type   'polypeptide(L)'
_entity_poly.pdbx_seq_one_letter_code
;MCDLRKTKLIDKISSLELYKYSIFFRNYIENVAEDCLKNGLILESAAHNVSEVELARLKVQLKNALLNCIISYRFHGIGY
VLVKTKDTLIDLEQPVNIELPIGFEYLDYEYVRDLGVDFDHITYKVKSNNKNNSLDAVKIHKSRLIIYENFDYILKRYVP
CYTESFLLDIYLFEKIYVEIERRIENHNFLFYKDESLVQLQDALSSATTSLSALTQSNNDRGSGILSSFLRKQNSNNHSK
DISNLRNLNDSLSQELARLKSNLNNEGMFYTATPSASLEVIKYDLSYLKEALALIKAKIGADTKEPLTRSFNEQAKGLGN
DGKGDRSNYYDFLKGVQEQVENSCNLKLTKYFGLDMKFNSLIMLSEEQKVERDIKLIELYSKYNQLIQSSSFNNEELAML
KEKLFSF
;
_entity_poly.pdbx_strand_id   A
#
# COMPACT_ATOMS: atom_id res chain seq x y z
N ILE A 13 1.82 14.12 18.96
CA ILE A 13 2.12 14.14 17.53
C ILE A 13 0.86 13.89 16.72
N SER A 14 0.51 14.84 15.86
CA SER A 14 -0.68 14.76 15.02
C SER A 14 -0.34 14.16 13.67
N SER A 15 -1.12 13.18 13.25
CA SER A 15 -0.86 12.50 11.99
C SER A 15 -1.16 13.40 10.81
N LEU A 16 -2.14 14.29 10.94
CA LEU A 16 -2.47 15.19 9.83
C LEU A 16 -1.35 16.19 9.58
N GLU A 17 -0.78 16.75 10.64
CA GLU A 17 0.32 17.69 10.47
C GLU A 17 1.54 17.00 9.88
N LEU A 18 1.83 15.77 10.31
CA LEU A 18 2.96 15.03 9.75
C LEU A 18 2.73 14.72 8.28
N TYR A 19 1.50 14.38 7.91
CA TYR A 19 1.15 14.12 6.52
C TYR A 19 1.34 15.39 5.70
N LYS A 20 0.95 16.54 6.25
CA LYS A 20 1.13 17.81 5.56
C LYS A 20 2.60 18.13 5.35
N TYR A 21 3.43 17.87 6.34
CA TYR A 21 4.82 18.32 6.34
C TYR A 21 5.74 17.34 5.62
N SER A 22 5.54 16.04 5.83
CA SER A 22 6.50 15.02 5.41
C SER A 22 5.99 14.31 4.14
N ILE A 23 6.84 14.30 3.11
CA ILE A 23 6.55 13.49 1.93
C ILE A 23 6.85 12.03 2.19
N PHE A 24 7.71 11.74 3.16
CA PHE A 24 8.03 10.36 3.51
C PHE A 24 6.81 9.66 4.07
N PHE A 25 6.07 10.34 4.94
CA PHE A 25 4.84 9.79 5.50
C PHE A 25 3.78 9.61 4.41
N ARG A 26 3.67 10.58 3.51
CA ARG A 26 2.72 10.47 2.40
C ARG A 26 3.01 9.26 1.53
N ASN A 27 4.29 9.06 1.20
CA ASN A 27 4.68 7.92 0.39
C ASN A 27 4.44 6.61 1.13
N TYR A 28 4.73 6.59 2.43
CA TYR A 28 4.47 5.39 3.22
C TYR A 28 2.99 5.04 3.21
N ILE A 29 2.12 6.04 3.25
CA ILE A 29 0.68 5.78 3.25
C ILE A 29 0.23 5.29 1.87
N GLU A 30 0.74 5.89 0.81
CA GLU A 30 0.19 5.70 -0.53
C GLU A 30 0.86 4.57 -1.31
N ASN A 31 2.00 4.06 -0.88
CA ASN A 31 2.73 3.06 -1.67
C ASN A 31 1.96 1.73 -1.73
N VAL A 32 1.32 1.35 -0.64
CA VAL A 32 0.57 0.10 -0.62
C VAL A 32 -0.62 0.17 -1.58
N ALA A 33 -1.32 1.30 -1.56
CA ALA A 33 -2.46 1.50 -2.44
C ALA A 33 -2.02 1.50 -3.90
N GLU A 34 -0.88 2.12 -4.18
CA GLU A 34 -0.38 2.17 -5.55
C GLU A 34 0.03 0.79 -6.04
N ASP A 35 0.65 0.00 -5.17
CA ASP A 35 1.12 -1.33 -5.56
C ASP A 35 -0.02 -2.33 -5.67
N CYS A 36 -1.11 -2.12 -4.93
CA CYS A 36 -2.20 -3.09 -4.96
C CYS A 36 -2.93 -3.07 -6.30
N LEU A 37 -3.13 -1.88 -6.87
CA LEU A 37 -3.82 -1.71 -8.14
C LEU A 37 -2.88 -1.53 -9.33
N LYS A 38 -1.60 -1.87 -9.17
CA LYS A 38 -0.61 -1.61 -10.21
C LYS A 38 -0.81 -2.49 -11.44
N ASN A 39 -1.21 -3.75 -11.26
CA ASN A 39 -1.37 -4.66 -12.38
C ASN A 39 -2.80 -4.71 -12.93
N GLY A 40 -3.75 -3.97 -12.35
CA GLY A 40 -5.09 -3.87 -12.89
C GLY A 40 -6.04 -4.86 -12.25
N LEU A 41 -7.31 -4.73 -12.62
CA LEU A 41 -8.36 -5.63 -12.12
C LEU A 41 -9.03 -6.39 -13.26
N ILE A 42 -9.91 -7.33 -12.89
CA ILE A 42 -10.77 -7.99 -13.87
C ILE A 42 -12.21 -7.83 -13.39
N LEU A 43 -13.08 -7.30 -14.25
CA LEU A 43 -14.50 -7.17 -13.93
C LEU A 43 -15.32 -8.09 -14.83
N GLU A 44 -16.25 -8.84 -14.25
CA GLU A 44 -17.08 -9.79 -14.98
C GLU A 44 -18.53 -9.67 -14.54
N SER A 45 -19.45 -9.95 -15.46
CA SER A 45 -20.89 -9.89 -15.18
C SER A 45 -21.44 -11.31 -15.17
N ALA A 46 -22.15 -11.65 -14.09
CA ALA A 46 -22.76 -12.97 -14.00
C ALA A 46 -23.81 -13.16 -15.08
N ALA A 47 -24.66 -12.15 -15.31
CA ALA A 47 -25.68 -12.23 -16.35
C ALA A 47 -25.08 -12.37 -17.74
N HIS A 48 -23.84 -11.92 -17.96
CA HIS A 48 -23.19 -11.98 -19.27
C HIS A 48 -24.02 -11.26 -20.33
N ASN A 49 -24.61 -10.13 -19.95
CA ASN A 49 -25.38 -9.32 -20.86
C ASN A 49 -24.81 -7.92 -21.11
N VAL A 50 -24.03 -7.38 -20.17
CA VAL A 50 -23.35 -6.10 -20.34
C VAL A 50 -22.26 -6.23 -21.39
N SER A 51 -22.17 -5.26 -22.29
CA SER A 51 -21.08 -5.23 -23.23
C SER A 51 -19.76 -4.97 -22.51
N GLU A 52 -18.70 -5.60 -23.05
CA GLU A 52 -17.39 -5.49 -22.43
C GLU A 52 -16.90 -4.04 -22.36
N VAL A 53 -17.35 -3.21 -23.32
CA VAL A 53 -16.94 -1.81 -23.37
C VAL A 53 -17.39 -1.08 -22.10
N GLU A 54 -18.67 -1.21 -21.76
CA GLU A 54 -19.18 -0.56 -20.55
C GLU A 54 -18.59 -1.19 -19.29
N LEU A 55 -18.44 -2.51 -19.29
CA LEU A 55 -17.78 -3.18 -18.18
C LEU A 55 -16.38 -2.63 -17.95
N ALA A 56 -15.63 -2.36 -19.03
CA ALA A 56 -14.28 -1.83 -18.91
C ALA A 56 -14.29 -0.40 -18.39
N ARG A 57 -15.27 0.40 -18.80
CA ARG A 57 -15.37 1.76 -18.28
C ARG A 57 -15.70 1.74 -16.79
N LEU A 58 -16.65 0.89 -16.40
CA LEU A 58 -16.97 0.72 -14.99
C LEU A 58 -15.74 0.29 -14.18
N LYS A 59 -14.88 -0.54 -14.78
CA LYS A 59 -13.69 -1.03 -14.10
C LYS A 59 -12.73 0.12 -13.80
N VAL A 60 -12.52 0.99 -14.77
CA VAL A 60 -11.62 2.14 -14.59
C VAL A 60 -12.09 3.00 -13.42
N GLN A 61 -13.39 3.25 -13.35
CA GLN A 61 -13.93 4.03 -12.23
C GLN A 61 -13.76 3.30 -10.91
N LEU A 62 -13.88 1.96 -10.93
CA LEU A 62 -13.71 1.17 -9.72
C LEU A 62 -12.28 1.24 -9.22
N LYS A 63 -11.31 1.21 -10.13
CA LYS A 63 -9.92 1.37 -9.76
C LYS A 63 -9.67 2.74 -9.16
N ASN A 64 -10.23 3.77 -9.78
CA ASN A 64 -10.07 5.13 -9.27
C ASN A 64 -10.65 5.26 -7.87
N ALA A 65 -11.81 4.66 -7.62
CA ALA A 65 -12.42 4.77 -6.30
C ALA A 65 -11.66 3.95 -5.26
N LEU A 66 -11.17 2.78 -5.67
CA LEU A 66 -10.52 1.84 -4.77
C LEU A 66 -9.16 2.36 -4.32
N LEU A 67 -8.52 3.19 -5.14
CA LEU A 67 -7.25 3.77 -4.73
C LEU A 67 -7.44 4.63 -3.50
N ASN A 68 -8.39 5.55 -3.56
CA ASN A 68 -8.70 6.42 -2.44
C ASN A 68 -9.31 5.63 -1.28
N CYS A 69 -10.04 4.56 -1.57
CA CYS A 69 -10.60 3.71 -0.52
C CYS A 69 -9.49 3.04 0.29
N ILE A 70 -8.45 2.55 -0.38
CA ILE A 70 -7.35 1.92 0.36
C ILE A 70 -6.54 2.98 1.10
N ILE A 71 -6.38 4.17 0.50
CA ILE A 71 -5.66 5.24 1.18
C ILE A 71 -6.39 5.63 2.46
N SER A 72 -7.71 5.78 2.40
CA SER A 72 -8.50 6.12 3.57
C SER A 72 -8.50 4.99 4.59
N TYR A 73 -8.50 3.75 4.11
CA TYR A 73 -8.40 2.61 5.03
C TYR A 73 -7.07 2.66 5.79
N ARG A 74 -5.98 3.02 5.11
CA ARG A 74 -4.66 3.04 5.75
C ARG A 74 -4.50 4.25 6.67
N PHE A 75 -5.13 5.37 6.36
CA PHE A 75 -4.93 6.59 7.14
C PHE A 75 -5.93 6.72 8.28
N HIS A 76 -7.19 6.35 8.03
CA HIS A 76 -8.26 6.52 9.01
C HIS A 76 -8.68 5.22 9.67
N GLY A 77 -8.59 4.09 8.97
CA GLY A 77 -9.06 2.81 9.45
C GLY A 77 -10.30 2.30 8.75
N ILE A 78 -10.92 3.10 7.87
CA ILE A 78 -12.11 2.68 7.15
C ILE A 78 -12.21 3.49 5.85
N GLY A 79 -12.76 2.84 4.83
CA GLY A 79 -12.95 3.48 3.53
C GLY A 79 -14.34 3.21 3.00
N TYR A 80 -14.86 4.18 2.25
CA TYR A 80 -16.23 4.13 1.75
C TYR A 80 -16.25 4.39 0.25
N VAL A 81 -16.89 3.48 -0.50
CA VAL A 81 -17.10 3.64 -1.93
C VAL A 81 -18.59 3.49 -2.20
N LEU A 82 -19.21 4.54 -2.75
CA LEU A 82 -20.61 4.48 -3.16
C LEU A 82 -20.76 3.93 -4.57
N VAL A 83 -21.68 3.00 -4.75
CA VAL A 83 -22.00 2.44 -6.07
C VAL A 83 -23.18 3.24 -6.62
N LYS A 84 -22.91 4.15 -7.55
CA LYS A 84 -23.94 5.03 -8.06
C LYS A 84 -24.74 4.34 -9.17
N THR A 85 -26.06 4.38 -9.06
CA THR A 85 -27.01 3.85 -10.04
C THR A 85 -27.83 5.00 -10.62
N LYS A 86 -28.77 4.65 -11.50
CA LYS A 86 -29.63 5.64 -12.14
C LYS A 86 -30.82 5.94 -11.22
N ASP A 87 -30.51 6.64 -10.14
CA ASP A 87 -31.49 6.95 -9.11
C ASP A 87 -31.29 8.39 -8.67
N THR A 88 -32.23 8.88 -7.86
CA THR A 88 -32.18 10.25 -7.38
C THR A 88 -31.47 10.34 -6.04
N LEU A 89 -31.18 11.57 -5.61
CA LEU A 89 -30.49 11.78 -4.35
C LEU A 89 -31.32 11.32 -3.15
N ILE A 90 -32.64 11.28 -3.28
CA ILE A 90 -33.49 10.86 -2.19
C ILE A 90 -33.63 9.34 -2.16
N ASP A 91 -33.60 8.69 -3.33
CA ASP A 91 -33.76 7.25 -3.42
C ASP A 91 -32.58 6.46 -2.88
N LEU A 92 -31.48 7.13 -2.53
CA LEU A 92 -30.31 6.42 -2.02
C LEU A 92 -30.57 5.75 -0.67
N GLU A 93 -31.62 6.14 0.03
CA GLU A 93 -31.95 5.54 1.32
C GLU A 93 -32.52 4.14 1.14
N GLN A 94 -33.25 3.91 0.06
CA GLN A 94 -33.93 2.64 -0.15
C GLN A 94 -32.91 1.56 -0.49
N PRO A 95 -33.13 0.32 -0.02
CA PRO A 95 -32.24 -0.78 -0.39
C PRO A 95 -32.32 -1.10 -1.87
N VAL A 96 -31.30 -1.82 -2.35
CA VAL A 96 -31.23 -2.31 -3.72
C VAL A 96 -31.48 -3.81 -3.74
N ASN A 97 -32.37 -4.25 -4.63
CA ASN A 97 -32.60 -5.69 -4.83
C ASN A 97 -31.72 -6.23 -5.94
N ILE A 98 -31.93 -5.78 -7.17
CA ILE A 98 -31.11 -6.14 -8.32
C ILE A 98 -31.03 -4.95 -9.25
N GLU A 99 -29.81 -4.54 -9.62
CA GLU A 99 -29.62 -3.36 -10.45
C GLU A 99 -28.25 -3.45 -11.10
N LEU A 100 -28.04 -2.63 -12.14
CA LEU A 100 -26.73 -2.54 -12.79
C LEU A 100 -26.08 -1.20 -12.47
N PRO A 101 -24.85 -1.17 -11.96
CA PRO A 101 -24.26 0.10 -11.53
C PRO A 101 -23.93 1.02 -12.70
N ILE A 102 -24.07 2.32 -12.44
CA ILE A 102 -23.64 3.34 -13.40
C ILE A 102 -22.19 3.81 -13.15
N GLY A 103 -21.63 3.55 -11.98
CA GLY A 103 -20.27 3.95 -11.67
C GLY A 103 -19.96 3.74 -10.21
N PHE A 104 -18.82 4.31 -9.81
CA PHE A 104 -18.30 4.23 -8.45
C PHE A 104 -17.70 5.57 -8.06
N GLU A 105 -17.92 5.97 -6.80
CA GLU A 105 -17.43 7.23 -6.25
C GLU A 105 -16.93 7.04 -4.82
N TYR A 106 -15.67 7.41 -4.58
CA TYR A 106 -15.11 7.37 -3.23
C TYR A 106 -15.74 8.47 -2.38
N LEU A 107 -16.08 8.14 -1.14
CA LEU A 107 -16.69 9.10 -0.23
C LEU A 107 -15.66 9.54 0.81
N ASP A 108 -15.54 10.85 1.01
CA ASP A 108 -14.58 11.36 1.98
C ASP A 108 -14.94 10.91 3.39
N TYR A 109 -13.91 10.52 4.15
CA TYR A 109 -14.14 10.02 5.50
C TYR A 109 -14.71 11.07 6.42
N GLU A 110 -14.26 12.32 6.27
CA GLU A 110 -14.69 13.38 7.19
C GLU A 110 -16.14 13.77 6.98
N TYR A 111 -16.72 13.45 5.83
CA TYR A 111 -18.12 13.78 5.56
C TYR A 111 -19.06 12.60 5.79
N VAL A 112 -18.56 11.50 6.36
CA VAL A 112 -19.35 10.29 6.54
C VAL A 112 -19.58 10.08 8.03
N ARG A 113 -20.83 9.84 8.41
CA ARG A 113 -21.18 9.51 9.78
C ARG A 113 -21.80 8.12 9.81
N ASP A 114 -21.15 7.19 10.52
CA ASP A 114 -21.67 5.84 10.64
C ASP A 114 -21.69 5.45 12.11
N LEU A 115 -22.81 4.88 12.54
CA LEU A 115 -23.02 4.60 13.96
C LEU A 115 -22.62 3.18 14.35
N GLY A 116 -22.19 2.35 13.41
CA GLY A 116 -21.69 1.03 13.70
C GLY A 116 -22.31 -0.02 12.79
N VAL A 117 -21.94 -1.27 13.04
CA VAL A 117 -22.42 -2.38 12.22
C VAL A 117 -23.89 -2.65 12.49
N ASP A 118 -24.37 -2.29 13.70
CA ASP A 118 -25.76 -2.58 14.07
C ASP A 118 -26.74 -1.75 13.25
N PHE A 119 -26.28 -0.70 12.61
CA PHE A 119 -27.10 0.20 11.80
C PHE A 119 -26.85 -0.12 10.34
N ASP A 120 -27.86 0.14 9.49
CA ASP A 120 -27.76 -0.26 8.10
C ASP A 120 -27.75 0.96 7.19
N HIS A 121 -27.32 2.10 7.72
CA HIS A 121 -27.33 3.35 6.96
C HIS A 121 -26.23 4.26 7.47
N ILE A 122 -25.80 5.19 6.61
CA ILE A 122 -24.82 6.20 6.96
C ILE A 122 -25.37 7.56 6.53
N THR A 123 -24.73 8.62 7.02
CA THR A 123 -25.10 9.98 6.66
C THR A 123 -23.93 10.64 5.93
N TYR A 124 -24.19 11.21 4.76
CA TYR A 124 -23.17 11.87 3.95
C TYR A 124 -23.60 13.29 3.64
N LYS A 125 -22.63 14.21 3.60
CA LYS A 125 -22.90 15.60 3.29
C LYS A 125 -22.02 16.13 2.15
N ALA A 137 -27.25 16.39 4.61
CA ALA A 137 -27.34 15.11 5.30
C ALA A 137 -28.14 14.14 4.45
N VAL A 138 -27.47 13.53 3.47
CA VAL A 138 -28.08 12.52 2.60
C VAL A 138 -27.97 11.17 3.26
N LYS A 139 -29.11 10.52 3.48
CA LYS A 139 -29.13 9.17 4.04
C LYS A 139 -28.91 8.12 2.95
N ILE A 140 -27.89 7.28 3.11
CA ILE A 140 -27.54 6.24 2.15
C ILE A 140 -27.59 4.89 2.83
N HIS A 141 -28.30 3.94 2.21
CA HIS A 141 -28.33 2.56 2.70
C HIS A 141 -26.97 1.90 2.48
N LYS A 142 -26.61 1.01 3.42
CA LYS A 142 -25.31 0.38 3.38
C LYS A 142 -25.18 -0.64 2.26
N SER A 143 -26.28 -1.05 1.62
CA SER A 143 -26.20 -1.99 0.51
C SER A 143 -25.63 -1.34 -0.74
N ARG A 144 -25.52 -0.02 -0.76
CA ARG A 144 -25.00 0.76 -1.87
C ARG A 144 -23.53 1.14 -1.66
N LEU A 145 -22.92 0.63 -0.59
CA LEU A 145 -21.60 1.07 -0.14
C LEU A 145 -20.66 -0.11 -0.02
N ILE A 146 -19.45 0.03 -0.54
CA ILE A 146 -18.37 -0.92 -0.32
C ILE A 146 -17.53 -0.40 0.83
N ILE A 147 -17.39 -1.20 1.89
CA ILE A 147 -16.78 -0.76 3.14
C ILE A 147 -15.55 -1.61 3.39
N TYR A 148 -14.40 -0.95 3.53
CA TYR A 148 -13.10 -1.60 3.77
C TYR A 148 -12.64 -1.08 5.13
N GLU A 149 -12.75 -1.90 6.17
CA GLU A 149 -12.53 -1.47 7.54
C GLU A 149 -11.48 -2.34 8.22
N ASN A 150 -10.75 -1.74 9.15
CA ASN A 150 -9.71 -2.41 9.93
C ASN A 150 -10.16 -2.38 11.39
N PHE A 151 -10.86 -3.42 11.82
CA PHE A 151 -11.35 -3.52 13.19
C PHE A 151 -10.39 -4.36 14.01
N ASP A 152 -9.91 -3.82 15.12
CA ASP A 152 -9.01 -4.52 16.02
C ASP A 152 -9.80 -5.03 17.22
N TYR A 153 -9.85 -6.34 17.39
CA TYR A 153 -10.70 -6.92 18.43
C TYR A 153 -10.11 -6.73 19.81
N ILE A 154 -8.78 -6.63 19.90
CA ILE A 154 -8.15 -6.37 21.18
C ILE A 154 -8.45 -4.95 21.64
N LEU A 155 -8.48 -4.00 20.71
CA LEU A 155 -8.79 -2.61 21.05
C LEU A 155 -10.27 -2.29 20.89
N LYS A 156 -11.03 -3.13 20.20
CA LYS A 156 -12.47 -2.95 20.00
C LYS A 156 -12.78 -1.62 19.34
N ARG A 157 -12.01 -1.27 18.31
CA ARG A 157 -12.15 -0.01 17.60
C ARG A 157 -11.46 -0.11 16.25
N TYR A 158 -11.79 0.82 15.35
CA TYR A 158 -11.11 0.88 14.07
C TYR A 158 -9.81 1.67 14.23
N VAL A 159 -8.71 1.11 13.71
CA VAL A 159 -7.40 1.73 13.91
C VAL A 159 -6.70 1.94 12.57
N PRO A 160 -5.83 2.95 12.44
CA PRO A 160 -5.07 3.09 11.20
C PRO A 160 -3.91 2.11 11.14
N CYS A 161 -3.07 2.22 10.13
CA CYS A 161 -1.95 1.30 9.98
C CYS A 161 -0.72 1.72 10.79
N TYR A 162 -0.76 2.85 11.47
CA TYR A 162 0.36 3.37 12.23
C TYR A 162 -0.02 3.51 13.69
N THR A 163 0.99 3.55 14.54
CA THR A 163 0.83 3.74 15.98
C THR A 163 1.57 5.00 16.43
N GLU A 164 1.60 5.22 17.74
CA GLU A 164 2.32 6.39 18.24
C GLU A 164 3.83 6.23 18.07
N SER A 165 4.34 5.01 18.18
CA SER A 165 5.78 4.82 18.07
C SER A 165 6.27 5.14 16.67
N PHE A 166 5.50 4.74 15.66
CA PHE A 166 5.84 5.04 14.28
C PHE A 166 5.82 6.53 14.00
N LEU A 167 4.83 7.23 14.55
CA LEU A 167 4.79 8.69 14.44
C LEU A 167 5.99 9.33 15.11
N LEU A 168 6.41 8.80 16.26
CA LEU A 168 7.58 9.33 16.94
C LEU A 168 8.84 9.12 16.09
N ASP A 169 8.95 7.96 15.44
CA ASP A 169 10.10 7.70 14.58
C ASP A 169 10.15 8.67 13.41
N ILE A 170 9.00 8.90 12.76
CA ILE A 170 8.97 9.82 11.64
C ILE A 170 9.27 11.24 12.11
N TYR A 171 8.76 11.61 13.28
CA TYR A 171 9.02 12.94 13.82
C TYR A 171 10.50 13.16 14.10
N LEU A 172 11.17 12.15 14.67
CA LEU A 172 12.60 12.28 14.93
C LEU A 172 13.38 12.33 13.62
N PHE A 173 12.96 11.55 12.63
CA PHE A 173 13.62 11.56 11.33
C PHE A 173 13.54 12.93 10.69
N GLU A 174 12.40 13.61 10.82
CA GLU A 174 12.28 14.96 10.30
C GLU A 174 12.99 15.99 11.18
N LYS A 175 13.11 15.72 12.49
CA LYS A 175 13.66 16.71 13.41
C LYS A 175 15.18 16.77 13.33
N ILE A 176 15.81 15.70 12.83
CA ILE A 176 17.26 15.68 12.64
C ILE A 176 17.68 16.84 11.74
N TYR A 177 17.00 17.02 10.62
CA TYR A 177 17.40 18.04 9.67
C TYR A 177 16.98 19.44 10.11
N VAL A 178 15.92 19.58 10.88
CA VAL A 178 15.61 20.85 11.54
C VAL A 178 16.74 21.26 12.48
N GLU A 179 17.28 20.29 13.23
CA GLU A 179 18.40 20.61 14.12
C GLU A 179 19.63 20.98 13.31
N ILE A 180 19.86 20.30 12.19
CA ILE A 180 20.99 20.63 11.31
C ILE A 180 20.85 22.06 10.79
N GLU A 181 19.65 22.43 10.37
CA GLU A 181 19.44 23.78 9.85
C GLU A 181 19.59 24.82 10.95
N ARG A 182 19.32 24.47 12.20
CA ARG A 182 19.40 25.44 13.29
C ARG A 182 20.83 25.85 13.61
N ARG A 183 21.84 25.08 13.17
CA ARG A 183 23.23 25.37 13.53
C ARG A 183 24.19 25.49 12.35
N ILE A 184 23.74 25.29 11.10
CA ILE A 184 24.67 25.16 9.99
C ILE A 184 25.43 26.48 9.74
N GLU A 185 24.77 27.61 9.96
CA GLU A 185 25.41 28.89 9.65
C GLU A 185 26.58 29.19 10.58
N ASN A 186 26.50 28.75 11.83
CA ASN A 186 27.56 29.01 12.79
C ASN A 186 28.21 27.72 13.30
N HIS A 187 28.32 26.72 12.43
CA HIS A 187 29.01 25.50 12.82
C HIS A 187 30.44 25.79 13.31
N ASN A 188 31.05 26.83 12.76
CA ASN A 188 32.34 27.33 13.21
C ASN A 188 32.26 28.85 13.41
N PHE A 189 32.82 29.36 14.52
CA PHE A 189 32.92 30.80 14.72
C PHE A 189 34.07 31.08 15.68
N LEU A 190 34.48 32.35 15.72
CA LEU A 190 35.63 32.78 16.50
C LEU A 190 35.20 33.34 17.86
N PHE A 191 35.94 32.98 18.90
CA PHE A 191 35.74 33.50 20.25
C PHE A 191 36.94 34.38 20.58
N TYR A 192 36.73 35.69 20.63
CA TYR A 192 37.79 36.67 20.79
C TYR A 192 37.64 37.35 22.15
N LYS A 193 38.73 37.33 22.94
CA LYS A 193 38.79 38.01 24.24
C LYS A 193 39.88 39.06 24.18
N ASP A 194 39.50 40.32 24.43
CA ASP A 194 40.44 41.43 24.37
C ASP A 194 39.89 42.55 25.24
N GLU A 195 40.59 42.86 26.33
CA GLU A 195 40.03 43.80 27.30
C GLU A 195 40.18 45.24 26.83
N SER A 196 41.33 45.56 26.23
CA SER A 196 41.58 46.93 25.80
C SER A 196 40.76 47.31 24.57
N LEU A 197 40.46 46.36 23.70
CA LEU A 197 39.72 46.65 22.48
C LEU A 197 38.27 47.01 22.77
N ASN A 265 42.88 40.93 3.71
CA ASN A 265 43.94 41.30 2.79
C ASN A 265 45.27 40.64 3.14
N GLU A 266 45.74 40.88 4.36
CA GLU A 266 47.05 40.42 4.79
C GLU A 266 47.03 39.01 5.35
N GLY A 267 45.89 38.59 5.90
CA GLY A 267 45.80 37.28 6.50
C GLY A 267 46.44 37.18 7.86
N MET A 268 46.65 38.30 8.54
CA MET A 268 47.24 38.32 9.87
C MET A 268 46.33 39.10 10.80
N PHE A 269 46.01 38.49 11.96
CA PHE A 269 45.23 39.15 12.99
C PHE A 269 46.16 39.56 14.13
N TYR A 270 46.24 40.87 14.38
CA TYR A 270 47.18 41.45 15.31
C TYR A 270 46.49 42.09 16.51
N THR A 271 47.11 41.94 17.67
CA THR A 271 46.65 42.56 18.92
C THR A 271 47.87 42.84 19.79
N ALA A 272 47.69 43.75 20.73
CA ALA A 272 48.76 44.14 21.64
C ALA A 272 48.51 43.74 23.08
N THR A 273 47.31 43.28 23.41
CA THR A 273 47.01 42.82 24.75
C THR A 273 47.70 41.50 25.02
N PRO A 274 48.45 41.36 26.13
CA PRO A 274 49.21 40.12 26.35
C PRO A 274 48.36 38.96 26.83
N SER A 275 47.17 39.23 27.38
CA SER A 275 46.25 38.19 27.83
C SER A 275 45.18 37.86 26.80
N ALA A 276 45.28 38.41 25.59
CA ALA A 276 44.26 38.21 24.56
C ALA A 276 44.20 36.75 24.14
N SER A 277 43.01 36.32 23.68
CA SER A 277 42.82 34.95 23.21
C SER A 277 41.99 34.94 21.94
N LEU A 278 42.22 33.92 21.10
CA LEU A 278 41.43 33.72 19.89
C LEU A 278 41.27 32.21 19.65
N GLU A 279 40.02 31.74 19.66
CA GLU A 279 39.72 30.31 19.60
C GLU A 279 38.54 30.06 18.67
N VAL A 280 38.62 28.98 17.90
CA VAL A 280 37.53 28.57 17.01
C VAL A 280 36.60 27.64 17.78
N ILE A 281 35.32 27.96 17.76
CA ILE A 281 34.29 27.15 18.41
C ILE A 281 33.60 26.30 17.36
N LYS A 282 33.57 24.99 17.56
CA LYS A 282 33.07 24.05 16.56
C LYS A 282 31.96 23.20 17.14
N TYR A 283 30.94 22.93 16.32
CA TYR A 283 29.87 22.01 16.68
C TYR A 283 30.19 20.60 16.16
N ASP A 284 29.35 19.64 16.54
CA ASP A 284 29.58 18.25 16.15
C ASP A 284 28.29 17.64 15.63
N LEU A 285 28.42 16.60 14.79
CA LEU A 285 27.24 15.95 14.21
C LEU A 285 27.20 14.46 14.47
N SER A 286 28.02 13.94 15.39
CA SER A 286 28.05 12.50 15.60
C SER A 286 26.76 12.02 16.26
N TYR A 287 26.19 12.84 17.13
CA TYR A 287 24.91 12.52 17.76
C TYR A 287 23.83 12.29 16.71
N LEU A 288 23.73 13.20 15.74
CA LEU A 288 22.68 13.13 14.74
C LEU A 288 22.90 11.97 13.79
N LYS A 289 24.16 11.63 13.50
CA LYS A 289 24.44 10.48 12.64
C LYS A 289 24.03 9.19 13.32
N GLU A 290 24.40 9.04 14.59
CA GLU A 290 23.99 7.86 15.36
C GLU A 290 22.47 7.80 15.49
N ALA A 291 21.83 8.95 15.72
CA ALA A 291 20.37 8.99 15.81
C ALA A 291 19.72 8.55 14.50
N LEU A 292 20.30 8.96 13.37
CA LEU A 292 19.77 8.56 12.07
C LEU A 292 19.88 7.06 11.88
N ALA A 293 21.00 6.48 12.30
CA ALA A 293 21.18 5.03 12.17
C ALA A 293 20.14 4.30 13.01
N LEU A 294 19.94 4.74 14.25
CA LEU A 294 18.97 4.06 15.11
C LEU A 294 17.56 4.26 14.60
N ILE A 295 17.25 5.43 14.05
CA ILE A 295 15.91 5.71 13.54
C ILE A 295 15.64 4.85 12.30
N LYS A 296 16.65 4.67 11.46
CA LYS A 296 16.49 3.82 10.29
C LYS A 296 16.23 2.37 10.70
N ALA A 297 16.93 1.90 11.73
CA ALA A 297 16.71 0.55 12.22
C ALA A 297 15.30 0.40 12.77
N LYS A 298 14.82 1.40 13.51
CA LYS A 298 13.47 1.33 14.06
C LYS A 298 12.42 1.36 12.97
N ILE A 299 12.60 2.22 11.95
CA ILE A 299 11.66 2.27 10.85
C ILE A 299 11.62 0.94 10.10
N GLY A 300 12.79 0.34 9.87
CA GLY A 300 12.80 -0.95 9.23
C GLY A 300 12.14 -2.02 10.06
N ALA A 301 12.20 -1.89 11.38
CA ALA A 301 11.54 -2.87 12.23
C ALA A 301 10.03 -2.66 12.34
N ASP A 302 9.54 -1.45 12.07
CA ASP A 302 8.15 -1.12 12.37
C ASP A 302 7.24 -1.27 11.16
N THR A 303 7.79 -1.56 9.99
CA THR A 303 6.97 -1.67 8.79
C THR A 303 7.57 -2.70 7.86
N LYS A 304 6.75 -3.17 6.92
CA LYS A 304 7.13 -4.19 5.95
C LYS A 304 7.23 -3.67 4.53
N GLU A 305 6.86 -2.42 4.29
CA GLU A 305 6.91 -1.86 2.94
C GLU A 305 8.36 -1.64 2.54
N PRO A 306 8.84 -2.27 1.47
CA PRO A 306 10.30 -2.31 1.26
C PRO A 306 10.91 -0.94 0.96
N LEU A 307 10.17 -0.07 0.29
CA LEU A 307 10.63 1.27 -0.05
C LEU A 307 10.80 2.16 1.18
N THR A 308 9.94 1.98 2.18
CA THR A 308 10.00 2.79 3.40
C THR A 308 11.15 2.36 4.28
N ARG A 309 11.37 1.05 4.41
CA ARG A 309 12.41 0.50 5.26
C ARG A 309 13.80 0.88 4.75
N SER A 310 14.03 0.71 3.45
CA SER A 310 15.34 0.90 2.82
C SER A 310 15.58 2.32 2.34
N PHE A 311 14.68 3.25 2.61
CA PHE A 311 14.78 4.62 2.13
C PHE A 311 14.92 4.68 0.60
N ASN A 312 14.01 3.97 -0.08
CA ASN A 312 13.96 3.89 -1.53
C ASN A 312 15.19 3.23 -2.15
N GLU A 313 15.92 2.43 -1.39
CA GLU A 313 17.15 1.80 -1.89
C GLU A 313 16.91 0.39 -2.41
N GLN A 314 15.86 -0.27 -1.95
CA GLN A 314 15.56 -1.64 -2.35
C GLN A 314 14.40 -1.68 -3.35
N ALA A 315 14.29 -2.83 -4.01
CA ALA A 315 13.20 -3.11 -4.92
C ALA A 315 11.99 -3.70 -4.18
N LYS A 316 10.86 -3.74 -4.87
CA LYS A 316 9.63 -4.20 -4.22
C LYS A 316 9.61 -5.72 -4.04
N GLY A 317 10.47 -6.44 -4.73
CA GLY A 317 10.49 -7.89 -4.60
C GLY A 317 9.24 -8.60 -5.08
N LEU A 318 8.67 -8.16 -6.20
CA LEU A 318 7.48 -8.78 -6.77
C LEU A 318 7.75 -9.41 -8.14
N GLY A 319 8.97 -9.92 -8.35
CA GLY A 319 9.34 -10.59 -9.58
C GLY A 319 9.17 -12.11 -9.50
N ASN A 320 9.58 -12.77 -10.58
CA ASN A 320 9.49 -14.22 -10.65
C ASN A 320 10.88 -14.84 -10.49
N ASP A 321 11.06 -15.64 -9.44
CA ASP A 321 12.33 -16.28 -9.18
C ASP A 321 12.32 -17.78 -9.44
N GLY A 322 11.27 -18.28 -10.08
CA GLY A 322 11.14 -19.70 -10.30
C GLY A 322 11.00 -20.56 -9.08
N LYS A 323 10.61 -19.98 -7.95
CA LYS A 323 10.47 -20.68 -6.69
C LYS A 323 9.21 -20.17 -5.99
N GLY A 324 8.76 -20.95 -5.03
CA GLY A 324 7.61 -20.58 -4.25
C GLY A 324 7.87 -19.72 -3.02
N ASP A 325 9.13 -19.48 -2.69
CA ASP A 325 9.52 -18.66 -1.56
C ASP A 325 9.32 -17.18 -1.90
N ARG A 326 8.10 -16.71 -1.66
CA ARG A 326 7.75 -15.33 -1.92
C ARG A 326 8.25 -14.42 -0.80
N SER A 327 8.28 -13.12 -1.09
CA SER A 327 8.74 -12.13 -0.13
C SER A 327 7.63 -11.76 0.85
N ASN A 328 8.02 -11.07 1.92
CA ASN A 328 7.05 -10.64 2.92
C ASN A 328 6.08 -9.61 2.36
N TYR A 329 6.58 -8.73 1.50
CA TYR A 329 5.73 -7.71 0.88
C TYR A 329 4.70 -8.36 -0.03
N TYR A 330 5.08 -9.46 -0.69
CA TYR A 330 4.14 -10.17 -1.56
C TYR A 330 2.98 -10.72 -0.73
N ASP A 331 3.29 -11.32 0.43
CA ASP A 331 2.26 -11.87 1.29
C ASP A 331 1.36 -10.78 1.84
N PHE A 332 1.96 -9.64 2.24
CA PHE A 332 1.17 -8.53 2.74
C PHE A 332 0.22 -7.99 1.68
N LEU A 333 0.72 -7.81 0.45
CA LEU A 333 -0.12 -7.31 -0.63
C LEU A 333 -1.21 -8.31 -1.01
N LYS A 334 -0.89 -9.62 -0.96
CA LYS A 334 -1.88 -10.64 -1.25
C LYS A 334 -3.00 -10.63 -0.22
N GLY A 335 -2.65 -10.48 1.06
CA GLY A 335 -3.67 -10.36 2.10
C GLY A 335 -4.54 -9.15 1.93
N VAL A 336 -3.93 -8.00 1.62
CA VAL A 336 -4.69 -6.78 1.37
C VAL A 336 -5.63 -6.97 0.19
N GLN A 337 -5.13 -7.62 -0.88
CA GLN A 337 -5.96 -7.83 -2.06
C GLN A 337 -7.14 -8.76 -1.76
N GLU A 338 -6.90 -9.76 -0.94
CA GLU A 338 -7.97 -10.69 -0.56
C GLU A 338 -9.04 -9.98 0.26
N GLN A 339 -8.63 -9.13 1.20
CA GLN A 339 -9.58 -8.37 1.99
C GLN A 339 -10.39 -7.41 1.12
N VAL A 340 -9.73 -6.75 0.17
CA VAL A 340 -10.44 -5.83 -0.71
C VAL A 340 -11.42 -6.59 -1.60
N GLU A 341 -11.03 -7.77 -2.07
CA GLU A 341 -11.88 -8.60 -2.90
C GLU A 341 -13.11 -9.05 -2.12
N ASN A 342 -12.92 -9.48 -0.88
CA ASN A 342 -14.06 -9.86 -0.04
C ASN A 342 -15.01 -8.68 0.17
N SER A 343 -14.45 -7.50 0.48
CA SER A 343 -15.27 -6.32 0.73
C SER A 343 -16.05 -5.91 -0.50
N CYS A 344 -15.43 -6.00 -1.69
CA CYS A 344 -16.13 -5.58 -2.90
C CYS A 344 -17.18 -6.60 -3.33
N ASN A 345 -16.84 -7.88 -3.29
CA ASN A 345 -17.73 -8.94 -3.76
C ASN A 345 -18.82 -9.27 -2.74
N LEU A 346 -18.73 -8.75 -1.52
CA LEU A 346 -19.78 -8.98 -0.54
C LEU A 346 -21.08 -8.34 -0.97
N LYS A 347 -21.02 -7.29 -1.78
CA LYS A 347 -22.20 -6.61 -2.25
C LYS A 347 -22.29 -6.46 -3.76
N LEU A 348 -21.18 -6.50 -4.49
CA LEU A 348 -21.26 -6.40 -5.95
C LEU A 348 -22.06 -7.56 -6.53
N THR A 349 -21.86 -8.77 -6.02
CA THR A 349 -22.53 -9.95 -6.54
C THR A 349 -23.97 -10.06 -6.04
N LYS A 350 -24.18 -9.85 -4.74
CA LYS A 350 -25.52 -10.02 -4.16
C LYS A 350 -26.47 -8.95 -4.68
N TYR A 351 -26.02 -7.70 -4.78
CA TYR A 351 -26.93 -6.61 -5.13
C TYR A 351 -26.82 -6.11 -6.56
N PHE A 352 -25.64 -6.21 -7.18
CA PHE A 352 -25.43 -5.65 -8.51
C PHE A 352 -25.09 -6.68 -9.57
N GLY A 353 -24.95 -7.95 -9.19
CA GLY A 353 -24.62 -9.02 -10.12
C GLY A 353 -23.32 -8.81 -10.87
N LEU A 354 -22.27 -8.43 -10.14
CA LEU A 354 -20.95 -8.22 -10.71
C LEU A 354 -19.91 -8.97 -9.88
N ASP A 355 -18.79 -9.30 -10.52
CA ASP A 355 -17.69 -9.95 -9.83
C ASP A 355 -16.39 -9.26 -10.20
N MET A 356 -15.54 -9.01 -9.19
CA MET A 356 -14.26 -8.35 -9.36
C MET A 356 -13.15 -9.26 -8.87
N LYS A 357 -12.01 -9.19 -9.55
CA LYS A 357 -10.84 -9.98 -9.21
C LYS A 357 -9.61 -9.13 -9.43
N PHE A 358 -8.55 -9.43 -8.69
CA PHE A 358 -7.27 -8.77 -8.86
C PHE A 358 -6.40 -9.57 -9.81
N ASN A 359 -5.74 -8.90 -10.75
CA ASN A 359 -4.75 -9.61 -11.56
C ASN A 359 -3.63 -10.12 -10.67
N SER A 360 -2.84 -11.05 -11.22
CA SER A 360 -1.76 -11.64 -10.44
C SER A 360 -0.69 -10.61 -10.13
N LEU A 361 -0.19 -10.67 -8.89
CA LEU A 361 0.89 -9.76 -8.48
C LEU A 361 2.16 -9.95 -9.29
N ILE A 362 2.48 -11.18 -9.68
CA ILE A 362 3.66 -11.53 -10.45
C ILE A 362 3.29 -11.58 -11.92
N MET A 363 3.94 -10.76 -12.75
CA MET A 363 3.72 -10.75 -14.18
C MET A 363 4.95 -11.32 -14.89
N LEU A 364 4.76 -12.40 -15.66
CA LEU A 364 5.87 -13.02 -16.37
C LEU A 364 6.29 -12.22 -17.58
N SER A 365 7.60 -12.27 -17.88
CA SER A 365 8.08 -11.64 -19.11
C SER A 365 7.90 -12.55 -20.33
N GLU A 366 7.98 -11.97 -21.53
CA GLU A 366 7.76 -12.78 -22.73
C GLU A 366 8.80 -13.89 -22.84
N GLU A 367 10.05 -13.59 -22.51
CA GLU A 367 11.10 -14.60 -22.53
C GLU A 367 10.80 -15.71 -21.51
N GLN A 368 10.32 -15.35 -20.33
CA GLN A 368 10.02 -16.37 -19.34
C GLN A 368 8.85 -17.24 -19.79
N LYS A 369 7.86 -16.62 -20.42
CA LYS A 369 6.72 -17.37 -20.95
C LYS A 369 7.16 -18.41 -21.97
N VAL A 370 8.06 -18.03 -22.88
CA VAL A 370 8.62 -18.94 -23.89
C VAL A 370 9.39 -20.07 -23.22
N GLU A 371 10.17 -19.75 -22.18
CA GLU A 371 10.95 -20.79 -21.52
C GLU A 371 10.02 -21.80 -20.85
N ARG A 372 8.89 -21.33 -20.36
CA ARG A 372 7.91 -22.20 -19.74
C ARG A 372 7.26 -23.12 -20.77
N ASP A 373 6.93 -22.58 -21.95
CA ASP A 373 6.35 -23.41 -23.00
C ASP A 373 7.30 -24.50 -23.46
N ILE A 374 8.58 -24.15 -23.60
CA ILE A 374 9.56 -25.13 -24.04
C ILE A 374 9.70 -26.27 -23.05
N LYS A 375 9.75 -25.95 -21.76
CA LYS A 375 9.89 -27.00 -20.75
C LYS A 375 8.64 -27.88 -20.68
N LEU A 376 7.46 -27.29 -20.83
CA LEU A 376 6.24 -28.10 -20.80
C LEU A 376 6.11 -28.98 -22.03
N ILE A 377 6.55 -28.49 -23.19
CA ILE A 377 6.54 -29.31 -24.39
C ILE A 377 7.52 -30.47 -24.24
N GLU A 378 8.69 -30.21 -23.64
CA GLU A 378 9.64 -31.27 -23.36
C GLU A 378 9.04 -32.31 -22.42
N LEU A 379 8.29 -31.85 -21.41
CA LEU A 379 7.63 -32.77 -20.49
C LEU A 379 6.60 -33.64 -21.21
N TYR A 380 5.82 -33.03 -22.11
CA TYR A 380 4.82 -33.79 -22.85
C TYR A 380 5.48 -34.79 -23.79
N SER A 381 6.58 -34.40 -24.43
CA SER A 381 7.31 -35.32 -25.28
C SER A 381 7.87 -36.50 -24.49
N LYS A 382 8.44 -36.23 -23.31
CA LYS A 382 8.94 -37.33 -22.49
C LYS A 382 7.81 -38.26 -22.05
N TYR A 383 6.66 -37.70 -21.70
CA TYR A 383 5.52 -38.51 -21.31
C TYR A 383 5.04 -39.39 -22.47
N ASN A 384 5.00 -38.82 -23.69
CA ASN A 384 4.58 -39.60 -24.84
C ASN A 384 5.57 -40.71 -25.14
N GLN A 385 6.87 -40.44 -25.02
CA GLN A 385 7.87 -41.47 -25.24
C GLN A 385 7.76 -42.58 -24.20
N LEU A 386 7.51 -42.21 -22.94
CA LEU A 386 7.32 -43.21 -21.89
C LEU A 386 6.11 -44.09 -22.19
N ILE A 387 4.99 -43.47 -22.58
CA ILE A 387 3.76 -44.22 -22.80
C ILE A 387 3.92 -45.16 -23.99
N GLN A 388 4.58 -44.69 -25.04
CA GLN A 388 4.65 -45.45 -26.28
C GLN A 388 5.58 -46.65 -26.14
N SER A 389 6.69 -46.49 -25.42
CA SER A 389 7.70 -47.54 -25.33
C SER A 389 7.71 -48.22 -23.96
N SER A 390 6.55 -48.54 -23.40
CA SER A 390 6.52 -49.23 -22.13
C SER A 390 5.42 -50.28 -22.17
N SER A 391 5.38 -51.13 -21.15
CA SER A 391 4.36 -52.15 -21.03
C SER A 391 3.77 -52.18 -19.62
N PHE A 392 3.53 -51.01 -19.06
CA PHE A 392 2.98 -50.90 -17.71
C PHE A 392 1.51 -51.30 -17.68
N ASN A 393 1.09 -52.04 -16.64
CA ASN A 393 -0.33 -52.34 -16.51
C ASN A 393 -1.13 -51.04 -16.40
N ASN A 394 -2.39 -51.08 -16.88
CA ASN A 394 -3.18 -49.85 -16.91
C ASN A 394 -3.25 -49.18 -15.54
N GLU A 395 -3.51 -49.97 -14.49
CA GLU A 395 -3.61 -49.42 -13.14
C GLU A 395 -2.37 -48.60 -12.79
N GLU A 396 -1.18 -49.17 -13.01
CA GLU A 396 0.06 -48.45 -12.76
C GLU A 396 0.11 -47.14 -13.54
N LEU A 397 -0.33 -47.18 -14.80
CA LEU A 397 -0.41 -45.97 -15.61
C LEU A 397 -1.37 -44.96 -14.99
N ALA A 398 -2.53 -45.43 -14.52
CA ALA A 398 -3.47 -44.52 -13.86
C ALA A 398 -2.84 -43.89 -12.63
N MET A 399 -2.20 -44.70 -11.80
CA MET A 399 -1.57 -44.23 -10.57
C MET A 399 -0.49 -43.19 -10.88
N LEU A 400 0.32 -43.44 -11.91
CA LEU A 400 1.27 -42.44 -12.37
C LEU A 400 0.56 -41.17 -12.79
N LYS A 401 -0.63 -41.31 -13.38
CA LYS A 401 -1.38 -40.12 -13.81
C LYS A 401 -1.82 -39.28 -12.62
N GLU A 402 -2.36 -39.89 -11.57
CA GLU A 402 -2.76 -39.10 -10.41
C GLU A 402 -1.55 -38.52 -9.67
N LYS A 403 -0.43 -39.25 -9.61
CA LYS A 403 0.71 -38.72 -8.87
C LYS A 403 1.55 -37.74 -9.69
N LEU A 404 1.17 -37.46 -10.93
CA LEU A 404 1.80 -36.40 -11.71
C LEU A 404 1.02 -35.11 -11.57
N PHE A 405 1.74 -33.98 -11.47
CA PHE A 405 1.05 -32.71 -11.33
C PHE A 405 0.40 -32.27 -12.64
N SER A 406 1.13 -32.38 -13.75
CA SER A 406 0.61 -31.92 -15.03
C SER A 406 -0.44 -32.85 -15.61
N PHE A 407 -0.31 -34.16 -15.41
CA PHE A 407 -1.25 -35.13 -15.96
C PHE A 407 -2.14 -35.69 -14.86
#